data_6XE7
#
_entry.id   6XE7
#
_cell.length_a   62.637
_cell.length_b   82.764
_cell.length_c   104.769
_cell.angle_alpha   90.000
_cell.angle_beta   90.000
_cell.angle_gamma   90.000
#
_symmetry.space_group_name_H-M   'P 21 21 21'
#
loop_
_entity.id
_entity.type
_entity.pdbx_description
1 polymer 'Hemoglobin subunit alpha'
2 polymer 'Hemoglobin subunit beta'
3 non-polymer 'CARBON MONOXIDE'
4 non-polymer 'PROTOPORPHYRIN IX CONTAINING FE'
5 non-polymer 'methyl 2-[(3-hydroxy-2-methylphenoxy)methyl]pyridine-3-carboxylate'
6 water water
#
loop_
_entity_poly.entity_id
_entity_poly.type
_entity_poly.pdbx_seq_one_letter_code
_entity_poly.pdbx_strand_id
1 'polypeptide(L)'
;VLSPADKTNVKAAWGKVGAHAGEYGAEALERMFLSFPTTKTYFPHFDLSHGSAQVKGHGKKVADALTNAVAHVDDMPNAL
SALSDLHAHKLRVDPVNFKLLSHCLLVTLAAHLPAEFTPAVHASLDKFLASVSTVLTSKYR
;
A,C
2 'polypeptide(L)'
;VHLTPEEKSAVTALWGKVNVDEVGGEALGRLLVVYPWTQRFFESFGDLSTPDAVMGNPKVKAHGKKVLGAFSDGLAHLDN
LKGTFATLSELHCDKLHVDPENFRLLGNVLVCVLAHHFGKEFTPPVQAAYQKVVAGVANALAHKYH
;
B,D
#
# COMPACT_ATOMS: atom_id res chain seq x y z
N VAL A 1 -13.68 -7.87 -1.23
CA VAL A 1 -14.44 -8.90 -1.94
C VAL A 1 -13.83 -10.29 -1.78
N LEU A 2 -14.57 -11.19 -1.13
CA LEU A 2 -14.09 -12.54 -0.92
C LEU A 2 -14.86 -13.53 -1.80
N SER A 3 -14.16 -14.54 -2.30
CA SER A 3 -14.77 -15.59 -3.11
C SER A 3 -15.46 -16.60 -2.19
N PRO A 4 -16.37 -17.40 -2.74
CA PRO A 4 -16.96 -18.47 -1.91
C PRO A 4 -15.89 -19.42 -1.37
N ALA A 5 -14.81 -19.60 -2.12
CA ALA A 5 -13.70 -20.43 -1.65
C ALA A 5 -12.96 -19.77 -0.48
N ASP A 6 -12.72 -18.45 -0.60
CA ASP A 6 -12.08 -17.69 0.47
C ASP A 6 -12.85 -17.85 1.78
N LYS A 7 -14.15 -17.65 1.69
CA LYS A 7 -15.01 -17.75 2.86
C LYS A 7 -14.93 -19.14 3.48
N THR A 8 -14.99 -20.17 2.64
CA THR A 8 -14.85 -21.55 3.09
C THR A 8 -13.49 -21.79 3.75
N ASN A 9 -12.42 -21.32 3.10
CA ASN A 9 -11.08 -21.45 3.65
C ASN A 9 -10.92 -20.79 5.00
N VAL A 10 -11.51 -19.60 5.13
CA VAL A 10 -11.36 -18.83 6.37
C VAL A 10 -12.13 -19.47 7.52
N LYS A 11 -13.35 -19.91 7.27
CA LYS A 11 -14.17 -20.50 8.33
C LYS A 11 -13.55 -21.79 8.86
N ALA A 12 -13.00 -22.60 7.96
CA ALA A 12 -12.42 -23.86 8.38
C ALA A 12 -11.14 -23.62 9.18
N ALA A 13 -10.30 -22.73 8.68
CA ALA A 13 -9.02 -22.45 9.32
C ALA A 13 -9.19 -21.72 10.64
N TRP A 14 -9.94 -20.64 10.64
CA TRP A 14 -10.12 -19.86 11.86
C TRP A 14 -10.95 -20.66 12.86
N GLY A 15 -11.80 -21.56 12.37
CA GLY A 15 -12.56 -22.42 13.24
C GLY A 15 -11.71 -23.36 14.10
N LYS A 16 -10.45 -23.52 13.73
CA LYS A 16 -9.57 -24.42 14.48
C LYS A 16 -8.87 -23.72 15.62
N VAL A 17 -9.06 -22.41 15.69
CA VAL A 17 -8.44 -21.63 16.75
C VAL A 17 -9.14 -21.96 18.07
N GLY A 18 -10.46 -21.81 18.12
CA GLY A 18 -11.26 -22.35 19.20
C GLY A 18 -11.04 -21.77 20.59
N ALA A 19 -10.59 -22.57 21.55
CA ALA A 19 -10.28 -22.03 22.86
C ALA A 19 -8.96 -21.26 22.89
N HIS A 20 -8.25 -21.25 21.76
CA HIS A 20 -6.94 -20.62 21.68
C HIS A 20 -7.03 -19.17 21.24
N ALA A 21 -8.23 -18.62 21.32
CA ALA A 21 -8.47 -17.23 20.96
C ALA A 21 -7.60 -16.24 21.72
N GLY A 22 -7.71 -16.23 23.05
CA GLY A 22 -6.91 -15.31 23.85
C GLY A 22 -5.41 -15.51 23.64
N GLU A 23 -4.98 -16.76 23.60
CA GLU A 23 -3.59 -17.08 23.36
C GLU A 23 -3.09 -16.55 22.00
N TYR A 24 -3.81 -16.88 20.93
CA TYR A 24 -3.33 -16.50 19.59
C TYR A 24 -3.51 -15.00 19.35
N GLY A 25 -4.62 -14.45 19.82
CA GLY A 25 -4.83 -13.02 19.76
C GLY A 25 -3.73 -12.28 20.50
N ALA A 26 -3.44 -12.72 21.73
CA ALA A 26 -2.37 -12.13 22.52
C ALA A 26 -1.04 -12.27 21.82
N GLU A 27 -0.69 -13.48 21.41
CA GLU A 27 0.55 -13.74 20.71
C GLU A 27 0.71 -12.84 19.48
N ALA A 28 -0.35 -12.69 18.70
CA ALA A 28 -0.31 -11.84 17.52
C ALA A 28 -0.01 -10.39 17.91
N LEU A 29 -0.56 -9.95 19.03
CA LEU A 29 -0.31 -8.59 19.49
C LEU A 29 1.14 -8.42 19.94
N GLU A 30 1.65 -9.38 20.70
CA GLU A 30 3.02 -9.33 21.21
C GLU A 30 4.03 -9.38 20.05
N ARG A 31 3.71 -10.17 19.02
CA ARG A 31 4.56 -10.23 17.83
C ARG A 31 4.60 -8.88 17.15
N MET A 32 3.46 -8.21 17.09
CA MET A 32 3.40 -6.88 16.47
C MET A 32 4.18 -5.85 17.29
N PHE A 33 3.96 -5.84 18.60
CA PHE A 33 4.63 -4.89 19.50
C PHE A 33 6.15 -5.06 19.48
N LEU A 34 6.62 -6.30 19.46
CA LEU A 34 8.04 -6.58 19.46
C LEU A 34 8.71 -6.31 18.11
N SER A 35 8.09 -6.78 17.04
CA SER A 35 8.66 -6.68 15.71
C SER A 35 8.55 -5.26 15.17
N PHE A 36 7.45 -4.60 15.49
CA PHE A 36 7.20 -3.24 15.00
C PHE A 36 6.84 -2.31 16.16
N PRO A 37 7.85 -1.83 16.89
CA PRO A 37 7.71 -1.01 18.09
C PRO A 37 6.82 0.21 17.92
N THR A 38 6.75 0.77 16.71
CA THR A 38 5.96 1.98 16.48
C THR A 38 4.46 1.75 16.71
N THR A 39 4.03 0.50 16.60
CA THR A 39 2.62 0.18 16.83
C THR A 39 2.23 0.40 18.31
N LYS A 40 3.23 0.37 19.19
CA LYS A 40 3.00 0.59 20.63
C LYS A 40 2.50 1.99 20.96
N THR A 41 2.71 2.94 20.05
CA THR A 41 2.31 4.32 20.30
C THR A 41 0.80 4.49 20.31
N TYR A 42 0.09 3.49 19.79
CA TYR A 42 -1.36 3.48 19.86
C TYR A 42 -1.84 2.96 21.22
N PHE A 43 -0.93 2.39 22.00
CA PHE A 43 -1.30 1.85 23.31
C PHE A 43 -0.50 2.44 24.46
N PRO A 44 -0.48 3.78 24.59
CA PRO A 44 0.41 4.37 25.60
C PRO A 44 -0.05 4.08 27.02
N HIS A 45 -1.36 3.99 27.22
CA HIS A 45 -1.91 3.77 28.55
C HIS A 45 -1.85 2.30 28.94
N PHE A 46 -1.45 1.47 27.99
CA PHE A 46 -1.41 0.02 28.18
C PHE A 46 -0.13 -0.44 28.89
N ASP A 47 -0.25 -1.52 29.64
CA ASP A 47 0.90 -2.28 30.10
C ASP A 47 1.31 -3.18 28.94
N LEU A 48 2.42 -2.83 28.29
CA LEU A 48 2.87 -3.56 27.12
C LEU A 48 4.08 -4.44 27.43
N SER A 49 4.35 -4.64 28.71
CA SER A 49 5.41 -5.55 29.13
C SER A 49 5.08 -6.97 28.67
N HIS A 50 6.10 -7.80 28.54
CA HIS A 50 5.92 -9.17 28.07
C HIS A 50 5.07 -9.96 29.07
N GLY A 51 4.01 -10.57 28.57
CA GLY A 51 3.14 -11.40 29.38
C GLY A 51 2.16 -10.62 30.23
N SER A 52 1.97 -9.35 29.89
CA SER A 52 1.07 -8.48 30.65
C SER A 52 -0.35 -9.03 30.62
N ALA A 53 -1.08 -8.80 31.70
CA ALA A 53 -2.47 -9.24 31.78
C ALA A 53 -3.35 -8.40 30.86
N GLN A 54 -2.96 -7.15 30.64
CA GLN A 54 -3.76 -6.25 29.82
C GLN A 54 -3.69 -6.64 28.34
N VAL A 55 -2.50 -6.96 27.87
CA VAL A 55 -2.33 -7.37 26.48
C VAL A 55 -3.04 -8.71 26.21
N LYS A 56 -2.90 -9.66 27.14
CA LYS A 56 -3.54 -10.96 26.98
C LYS A 56 -5.07 -10.84 26.90
N GLY A 57 -5.64 -9.96 27.74
CA GLY A 57 -7.08 -9.79 27.76
C GLY A 57 -7.58 -9.08 26.52
N HIS A 58 -6.75 -8.17 26.02
CA HIS A 58 -7.07 -7.45 24.80
C HIS A 58 -6.99 -8.37 23.58
N GLY A 59 -6.06 -9.31 23.63
CA GLY A 59 -5.91 -10.30 22.57
C GLY A 59 -7.16 -11.12 22.39
N LYS A 60 -7.83 -11.42 23.52
CA LYS A 60 -9.08 -12.17 23.50
C LYS A 60 -10.18 -11.38 22.82
N LYS A 61 -10.19 -10.07 23.06
CA LYS A 61 -11.16 -9.18 22.42
C LYS A 61 -10.97 -9.16 20.91
N VAL A 62 -9.72 -9.06 20.47
CA VAL A 62 -9.41 -8.98 19.05
C VAL A 62 -9.76 -10.28 18.32
N ALA A 63 -9.34 -11.40 18.90
CA ALA A 63 -9.67 -12.72 18.37
C ALA A 63 -11.18 -12.93 18.26
N ASP A 64 -11.92 -12.57 19.30
CA ASP A 64 -13.38 -12.72 19.28
C ASP A 64 -14.03 -11.86 18.20
N ALA A 65 -13.49 -10.66 17.99
CA ALA A 65 -13.98 -9.78 16.93
C ALA A 65 -13.80 -10.42 15.56
N LEU A 66 -12.65 -11.07 15.36
CA LEU A 66 -12.38 -11.77 14.10
C LEU A 66 -13.33 -12.95 13.90
N THR A 67 -13.59 -13.68 14.99
CA THR A 67 -14.57 -14.76 14.97
C THR A 67 -15.94 -14.23 14.55
N ASN A 68 -16.31 -13.07 15.10
CA ASN A 68 -17.56 -12.43 14.73
C ASN A 68 -17.53 -11.98 13.27
N ALA A 69 -16.38 -11.47 12.84
CA ALA A 69 -16.19 -11.04 11.45
C ALA A 69 -16.35 -12.22 10.48
N VAL A 70 -15.77 -13.35 10.84
CA VAL A 70 -15.90 -14.58 10.05
C VAL A 70 -17.36 -14.98 9.86
N ALA A 71 -18.12 -14.92 10.95
CA ALA A 71 -19.53 -15.30 10.91
C ALA A 71 -20.37 -14.33 10.11
N HIS A 72 -19.95 -13.07 10.06
CA HIS A 72 -20.70 -12.06 9.31
C HIS A 72 -19.93 -11.59 8.08
N VAL A 73 -19.38 -12.55 7.35
CA VAL A 73 -18.49 -12.22 6.24
C VAL A 73 -19.27 -11.55 5.10
N ASP A 74 -20.58 -11.76 5.05
CA ASP A 74 -21.41 -11.19 3.99
C ASP A 74 -22.05 -9.86 4.37
N ASP A 75 -21.91 -9.44 5.62
CA ASP A 75 -22.37 -8.11 6.02
C ASP A 75 -21.39 -7.51 7.03
N MET A 76 -20.12 -7.49 6.68
CA MET A 76 -19.06 -7.01 7.56
C MET A 76 -19.18 -5.54 7.98
N PRO A 77 -19.48 -4.62 7.04
CA PRO A 77 -19.57 -3.22 7.48
C PRO A 77 -20.60 -2.98 8.58
N ASN A 78 -21.74 -3.67 8.53
CA ASN A 78 -22.73 -3.54 9.59
C ASN A 78 -22.26 -4.17 10.89
N ALA A 79 -21.68 -5.35 10.77
CA ALA A 79 -21.21 -6.10 11.94
C ALA A 79 -20.03 -5.41 12.62
N LEU A 80 -19.17 -4.77 11.82
CA LEU A 80 -17.96 -4.17 12.35
C LEU A 80 -18.09 -2.65 12.53
N SER A 81 -19.30 -2.14 12.38
CA SER A 81 -19.57 -0.70 12.43
C SER A 81 -19.07 -0.04 13.72
N ALA A 82 -19.26 -0.71 14.85
CA ALA A 82 -18.80 -0.18 16.13
C ALA A 82 -17.27 -0.14 16.19
N LEU A 83 -16.63 -1.18 15.70
CA LEU A 83 -15.17 -1.24 15.67
C LEU A 83 -14.58 -0.28 14.66
N SER A 84 -15.33 -0.01 13.60
CA SER A 84 -14.90 0.96 12.59
C SER A 84 -14.90 2.35 13.19
N ASP A 85 -15.98 2.69 13.90
CA ASP A 85 -16.08 3.99 14.56
C ASP A 85 -14.92 4.16 15.54
N LEU A 86 -14.52 3.08 16.20
CA LEU A 86 -13.39 3.15 17.13
C LEU A 86 -12.06 3.39 16.40
N HIS A 87 -11.77 2.60 15.38
CA HIS A 87 -10.45 2.64 14.73
C HIS A 87 -10.32 3.77 13.70
N ALA A 88 -11.39 4.04 12.95
CA ALA A 88 -11.33 5.05 11.90
C ALA A 88 -11.65 6.46 12.40
N HIS A 89 -12.73 6.59 13.18
CA HIS A 89 -13.19 7.92 13.60
C HIS A 89 -12.42 8.45 14.82
N LYS A 90 -12.35 7.64 15.87
CA LYS A 90 -11.74 8.08 17.12
C LYS A 90 -10.22 7.94 17.15
N LEU A 91 -9.74 6.72 16.91
CA LEU A 91 -8.31 6.44 17.01
C LEU A 91 -7.55 6.91 15.78
N ARG A 92 -8.21 6.88 14.63
CA ARG A 92 -7.60 7.26 13.35
C ARG A 92 -6.28 6.49 13.14
N VAL A 93 -6.37 5.16 13.17
CA VAL A 93 -5.19 4.33 13.00
C VAL A 93 -4.75 4.34 11.54
N ASP A 94 -3.47 4.60 11.32
CA ASP A 94 -2.88 4.49 9.99
C ASP A 94 -3.01 3.03 9.51
N PRO A 95 -3.55 2.83 8.30
CA PRO A 95 -3.77 1.50 7.72
C PRO A 95 -2.54 0.62 7.70
N VAL A 96 -1.35 1.22 7.61
CA VAL A 96 -0.12 0.44 7.60
C VAL A 96 -0.02 -0.45 8.85
N ASN A 97 -0.56 0.01 9.98
CA ASN A 97 -0.48 -0.78 11.21
C ASN A 97 -1.37 -2.02 11.17
N PHE A 98 -2.45 -1.93 10.40
CA PHE A 98 -3.35 -3.06 10.20
C PHE A 98 -2.68 -4.12 9.35
N LYS A 99 -1.81 -3.70 8.44
CA LYS A 99 -1.01 -4.64 7.66
C LYS A 99 0.00 -5.36 8.54
N LEU A 100 0.55 -4.64 9.51
CA LEU A 100 1.52 -5.24 10.41
C LEU A 100 0.84 -6.27 11.31
N LEU A 101 -0.32 -5.92 11.85
CA LEU A 101 -1.05 -6.86 12.69
C LEU A 101 -1.56 -8.05 11.88
N SER A 102 -2.08 -7.80 10.69
CA SER A 102 -2.55 -8.89 9.83
C SER A 102 -1.42 -9.89 9.54
N HIS A 103 -0.25 -9.37 9.21
CA HIS A 103 0.94 -10.20 9.00
C HIS A 103 1.29 -11.02 10.24
N CYS A 104 1.17 -10.42 11.43
CA CYS A 104 1.50 -11.14 12.66
C CYS A 104 0.45 -12.19 12.99
N LEU A 105 -0.79 -11.94 12.56
CA LEU A 105 -1.85 -12.92 12.70
C LEU A 105 -1.57 -14.14 11.84
N LEU A 106 -1.07 -13.92 10.63
CA LEU A 106 -0.73 -15.02 9.74
C LEU A 106 0.44 -15.83 10.29
N VAL A 107 1.43 -15.11 10.85
CA VAL A 107 2.59 -15.76 11.45
C VAL A 107 2.16 -16.66 12.60
N THR A 108 1.26 -16.15 13.44
CA THR A 108 0.74 -16.91 14.57
C THR A 108 0.00 -18.17 14.09
N LEU A 109 -0.90 -18.00 13.13
CA LEU A 109 -1.65 -19.13 12.55
C LEU A 109 -0.70 -20.16 11.92
N ALA A 110 0.31 -19.69 11.20
CA ALA A 110 1.29 -20.59 10.58
C ALA A 110 2.06 -21.38 11.64
N ALA A 111 2.45 -20.70 12.71
CA ALA A 111 3.21 -21.34 13.80
C ALA A 111 2.39 -22.36 14.58
N HIS A 112 1.07 -22.18 14.63
CA HIS A 112 0.21 -23.04 15.44
C HIS A 112 -0.61 -24.05 14.63
N LEU A 113 -0.99 -23.68 13.41
CA LEU A 113 -1.83 -24.56 12.60
C LEU A 113 -1.22 -24.88 11.25
N PRO A 114 -0.06 -25.57 11.25
CA PRO A 114 0.69 -25.83 10.01
C PRO A 114 -0.12 -26.59 8.96
N ALA A 115 -0.95 -27.54 9.39
CA ALA A 115 -1.77 -28.30 8.46
C ALA A 115 -2.85 -27.44 7.80
N GLU A 116 -3.30 -26.40 8.50
CA GLU A 116 -4.31 -25.50 7.97
C GLU A 116 -3.73 -24.47 7.01
N PHE A 117 -2.52 -24.02 7.31
CA PHE A 117 -1.89 -22.91 6.61
C PHE A 117 -1.33 -23.30 5.25
N THR A 118 -2.19 -23.83 4.38
CA THR A 118 -1.81 -24.12 3.00
C THR A 118 -1.70 -22.83 2.20
N PRO A 119 -0.98 -22.86 1.07
CA PRO A 119 -0.85 -21.66 0.22
C PRO A 119 -2.19 -21.02 -0.14
N ALA A 120 -3.19 -21.80 -0.51
CA ALA A 120 -4.50 -21.25 -0.87
C ALA A 120 -5.19 -20.61 0.35
N VAL A 121 -5.08 -21.26 1.50
CA VAL A 121 -5.70 -20.78 2.74
C VAL A 121 -4.96 -19.55 3.24
N HIS A 122 -3.64 -19.55 3.07
CA HIS A 122 -2.82 -18.38 3.33
C HIS A 122 -3.32 -17.18 2.50
N ALA A 123 -3.58 -17.41 1.22
CA ALA A 123 -4.09 -16.35 0.37
C ALA A 123 -5.45 -15.85 0.87
N SER A 124 -6.34 -16.77 1.23
CA SER A 124 -7.69 -16.40 1.66
C SER A 124 -7.68 -15.65 2.98
N LEU A 125 -6.87 -16.11 3.93
CA LEU A 125 -6.73 -15.45 5.22
C LEU A 125 -6.21 -14.03 5.07
N ASP A 126 -5.24 -13.85 4.17
CA ASP A 126 -4.65 -12.56 3.93
C ASP A 126 -5.69 -11.59 3.33
N LYS A 127 -6.51 -12.09 2.41
CA LYS A 127 -7.53 -11.26 1.78
C LYS A 127 -8.63 -10.92 2.78
N PHE A 128 -8.91 -11.87 3.67
CA PHE A 128 -9.90 -11.68 4.72
C PHE A 128 -9.47 -10.58 5.69
N LEU A 129 -8.26 -10.69 6.21
CA LEU A 129 -7.73 -9.68 7.12
C LEU A 129 -7.60 -8.31 6.45
N ALA A 130 -7.29 -8.31 5.15
CA ALA A 130 -7.20 -7.05 4.41
C ALA A 130 -8.57 -6.37 4.37
N SER A 131 -9.63 -7.16 4.20
CA SER A 131 -10.99 -6.65 4.15
C SER A 131 -11.43 -6.10 5.50
N VAL A 132 -11.21 -6.88 6.55
CA VAL A 132 -11.43 -6.43 7.91
C VAL A 132 -10.70 -5.11 8.15
N SER A 133 -9.46 -5.03 7.66
CA SER A 133 -8.61 -3.86 7.88
C SER A 133 -9.17 -2.62 7.18
N THR A 134 -9.64 -2.81 5.95
CA THR A 134 -10.22 -1.73 5.16
C THR A 134 -11.48 -1.18 5.82
N VAL A 135 -12.34 -2.08 6.32
CA VAL A 135 -13.56 -1.68 6.99
C VAL A 135 -13.29 -0.88 8.28
N LEU A 136 -12.30 -1.31 9.05
CA LEU A 136 -12.00 -0.64 10.33
C LEU A 136 -11.28 0.68 10.14
N THR A 137 -10.69 0.90 8.97
CA THR A 137 -9.96 2.12 8.72
C THR A 137 -10.73 3.08 7.81
N SER A 138 -11.93 2.69 7.42
CA SER A 138 -12.74 3.54 6.55
C SER A 138 -13.87 4.21 7.30
N LYS A 139 -14.06 5.50 7.05
CA LYS A 139 -15.17 6.24 7.62
C LYS A 139 -16.33 6.16 6.62
N TYR A 140 -17.26 5.25 6.87
CA TYR A 140 -18.36 5.02 5.94
C TYR A 140 -19.71 5.25 6.57
N ARG A 141 -19.72 5.94 7.70
CA ARG A 141 -20.96 6.26 8.38
C ARG A 141 -20.99 7.75 8.71
N VAL B 1 21.95 -3.64 9.15
CA VAL B 1 20.95 -3.64 10.22
C VAL B 1 21.62 -3.78 11.59
N HIS B 2 20.85 -3.50 12.64
CA HIS B 2 21.38 -3.54 14.00
C HIS B 2 20.77 -4.69 14.80
N LEU B 3 21.49 -5.81 14.87
CA LEU B 3 21.04 -6.95 15.66
C LEU B 3 21.88 -7.08 16.93
N THR B 4 21.20 -7.26 18.06
CA THR B 4 21.90 -7.54 19.31
C THR B 4 22.63 -8.88 19.17
N PRO B 5 23.71 -9.07 19.95
CA PRO B 5 24.44 -10.34 19.90
C PRO B 5 23.56 -11.54 20.26
N GLU B 6 22.52 -11.30 21.05
CA GLU B 6 21.57 -12.34 21.42
C GLU B 6 20.62 -12.65 20.26
N GLU B 7 20.27 -11.63 19.50
CA GLU B 7 19.42 -11.79 18.33
C GLU B 7 20.14 -12.51 17.21
N LYS B 8 21.42 -12.18 17.03
CA LYS B 8 22.18 -12.77 15.93
C LYS B 8 22.36 -14.26 16.14
N SER B 9 22.56 -14.65 17.40
CA SER B 9 22.71 -16.05 17.75
C SER B 9 21.42 -16.83 17.44
N ALA B 10 20.28 -16.23 17.80
CA ALA B 10 18.99 -16.89 17.56
C ALA B 10 18.69 -16.98 16.06
N VAL B 11 19.00 -15.90 15.33
CA VAL B 11 18.82 -15.90 13.89
C VAL B 11 19.69 -16.99 13.24
N THR B 12 20.97 -16.99 13.59
CA THR B 12 21.93 -17.94 13.06
C THR B 12 21.55 -19.39 13.38
N ALA B 13 21.16 -19.64 14.62
CA ALA B 13 20.80 -20.99 15.04
C ALA B 13 19.58 -21.50 14.27
N LEU B 14 18.58 -20.65 14.09
CA LEU B 14 17.40 -21.03 13.34
C LEU B 14 17.72 -21.26 11.87
N TRP B 15 18.49 -20.35 11.28
CA TRP B 15 18.81 -20.42 9.87
C TRP B 15 19.61 -21.67 9.53
N GLY B 16 20.46 -22.10 10.45
CA GLY B 16 21.24 -23.31 10.27
C GLY B 16 20.38 -24.55 10.09
N LYS B 17 19.15 -24.49 10.56
CA LYS B 17 18.22 -25.61 10.47
C LYS B 17 17.32 -25.54 9.24
N VAL B 18 17.38 -24.43 8.52
CA VAL B 18 16.51 -24.19 7.36
C VAL B 18 16.77 -25.20 6.23
N ASN B 19 15.70 -25.81 5.72
CA ASN B 19 15.79 -26.71 4.57
C ASN B 19 16.01 -25.90 3.29
N VAL B 20 17.27 -25.85 2.83
CA VAL B 20 17.62 -25.00 1.69
C VAL B 20 17.05 -25.51 0.37
N ASP B 21 16.53 -26.73 0.37
CA ASP B 21 15.91 -27.30 -0.83
C ASP B 21 14.47 -26.82 -1.01
N GLU B 22 13.81 -26.46 0.09
CA GLU B 22 12.37 -26.23 0.06
C GLU B 22 11.90 -24.85 0.51
N VAL B 23 12.54 -24.30 1.53
CA VAL B 23 12.07 -23.06 2.16
C VAL B 23 11.99 -21.89 1.17
N GLY B 24 13.02 -21.73 0.35
CA GLY B 24 13.02 -20.68 -0.65
C GLY B 24 11.92 -20.85 -1.70
N GLY B 25 11.77 -22.08 -2.19
CA GLY B 25 10.75 -22.39 -3.17
C GLY B 25 9.34 -22.14 -2.64
N GLU B 26 9.13 -22.42 -1.36
CA GLU B 26 7.84 -22.21 -0.73
C GLU B 26 7.56 -20.73 -0.51
N ALA B 27 8.59 -19.96 -0.19
CA ALA B 27 8.44 -18.53 -0.02
C ALA B 27 8.10 -17.89 -1.36
N LEU B 28 8.89 -18.17 -2.38
CA LEU B 28 8.64 -17.62 -3.71
C LEU B 28 7.31 -18.11 -4.25
N GLY B 29 6.99 -19.36 -3.94
CA GLY B 29 5.73 -19.95 -4.37
C GLY B 29 4.52 -19.29 -3.72
N ARG B 30 4.59 -19.10 -2.41
CA ARG B 30 3.49 -18.45 -1.70
C ARG B 30 3.32 -17.02 -2.19
N LEU B 31 4.41 -16.35 -2.51
CA LEU B 31 4.35 -15.01 -3.09
C LEU B 31 3.48 -15.02 -4.34
N LEU B 32 3.77 -15.95 -5.25
CA LEU B 32 3.07 -16.06 -6.52
C LEU B 32 1.59 -16.37 -6.35
N VAL B 33 1.25 -17.11 -5.29
CA VAL B 33 -0.14 -17.48 -5.05
C VAL B 33 -0.90 -16.41 -4.28
N VAL B 34 -0.29 -15.91 -3.20
CA VAL B 34 -0.95 -14.91 -2.37
C VAL B 34 -1.03 -13.57 -3.09
N TYR B 35 0.00 -13.24 -3.86
CA TYR B 35 0.02 -12.01 -4.64
C TYR B 35 0.20 -12.30 -6.13
N PRO B 36 -0.87 -12.78 -6.79
CA PRO B 36 -0.83 -13.32 -8.16
C PRO B 36 -0.20 -12.41 -9.20
N TRP B 37 -0.22 -11.10 -8.97
CA TRP B 37 0.37 -10.19 -9.96
C TRP B 37 1.89 -10.37 -10.06
N THR B 38 2.51 -10.99 -9.06
CA THR B 38 3.96 -11.20 -9.11
C THR B 38 4.31 -12.27 -10.15
N GLN B 39 3.32 -13.07 -10.55
CA GLN B 39 3.53 -14.09 -11.57
C GLN B 39 3.93 -13.50 -12.91
N ARG B 40 3.56 -12.24 -13.14
CA ARG B 40 3.85 -11.57 -14.41
C ARG B 40 5.34 -11.47 -14.68
N PHE B 41 6.14 -11.47 -13.62
CA PHE B 41 7.59 -11.41 -13.76
C PHE B 41 8.20 -12.76 -14.11
N PHE B 42 7.39 -13.82 -14.03
CA PHE B 42 7.89 -15.17 -14.26
C PHE B 42 7.15 -15.93 -15.38
N GLU B 43 6.96 -15.27 -16.52
CA GLU B 43 6.24 -15.87 -17.65
C GLU B 43 6.92 -17.14 -18.17
N SER B 44 8.24 -17.16 -18.16
CA SER B 44 9.01 -18.27 -18.69
C SER B 44 9.15 -19.43 -17.70
N PHE B 45 8.43 -19.38 -16.59
CA PHE B 45 8.54 -20.41 -15.56
C PHE B 45 7.56 -21.56 -15.77
N GLY B 46 6.78 -21.49 -16.85
CA GLY B 46 5.83 -22.54 -17.15
C GLY B 46 4.51 -22.39 -16.43
N ASP B 47 4.01 -23.52 -15.91
CA ASP B 47 2.67 -23.58 -15.33
C ASP B 47 2.60 -22.93 -13.96
N LEU B 48 1.82 -21.86 -13.86
CA LEU B 48 1.55 -21.20 -12.59
C LEU B 48 0.04 -21.07 -12.40
N SER B 49 -0.71 -21.93 -13.08
CA SER B 49 -2.16 -21.72 -13.19
C SER B 49 -2.92 -22.01 -11.90
N THR B 50 -2.39 -22.93 -11.09
CA THR B 50 -3.02 -23.27 -9.81
C THR B 50 -2.00 -23.16 -8.69
N PRO B 51 -2.47 -23.09 -7.43
CA PRO B 51 -1.56 -23.14 -6.28
C PRO B 51 -0.66 -24.39 -6.28
N ASP B 52 -1.24 -25.58 -6.45
CA ASP B 52 -0.44 -26.82 -6.49
C ASP B 52 0.60 -26.77 -7.60
N ALA B 53 0.22 -26.23 -8.75
CA ALA B 53 1.14 -26.12 -9.86
C ALA B 53 2.29 -25.16 -9.56
N VAL B 54 1.99 -24.04 -8.90
CA VAL B 54 3.05 -23.09 -8.55
C VAL B 54 4.03 -23.72 -7.56
N MET B 55 3.51 -24.37 -6.52
CA MET B 55 4.37 -24.90 -5.45
C MET B 55 5.26 -26.05 -5.95
N GLY B 56 4.71 -26.89 -6.81
CA GLY B 56 5.43 -28.05 -7.31
C GLY B 56 6.34 -27.75 -8.50
N ASN B 57 6.22 -26.55 -9.04
CA ASN B 57 6.98 -26.16 -10.22
C ASN B 57 8.48 -26.17 -9.97
N PRO B 58 9.21 -27.02 -10.71
CA PRO B 58 10.66 -27.16 -10.52
C PRO B 58 11.43 -25.86 -10.71
N LYS B 59 10.98 -25.00 -11.62
CA LYS B 59 11.62 -23.71 -11.83
C LYS B 59 11.39 -22.76 -10.66
N VAL B 60 10.24 -22.92 -9.99
CA VAL B 60 9.94 -22.13 -8.80
C VAL B 60 10.83 -22.59 -7.63
N LYS B 61 10.93 -23.89 -7.43
CA LYS B 61 11.80 -24.41 -6.38
C LYS B 61 13.25 -24.01 -6.64
N ALA B 62 13.69 -24.12 -7.89
CA ALA B 62 15.06 -23.77 -8.25
C ALA B 62 15.32 -22.28 -8.04
N HIS B 63 14.43 -21.43 -8.53
CA HIS B 63 14.66 -20.00 -8.37
C HIS B 63 14.53 -19.58 -6.90
N GLY B 64 13.60 -20.20 -6.19
CA GLY B 64 13.44 -19.94 -4.76
C GLY B 64 14.71 -20.26 -3.98
N LYS B 65 15.46 -21.25 -4.47
CA LYS B 65 16.70 -21.63 -3.82
C LYS B 65 17.72 -20.50 -3.95
N LYS B 66 17.73 -19.86 -5.10
CA LYS B 66 18.61 -18.70 -5.32
C LYS B 66 18.20 -17.52 -4.45
N VAL B 67 16.89 -17.36 -4.24
CA VAL B 67 16.38 -16.31 -3.37
C VAL B 67 16.85 -16.53 -1.93
N LEU B 68 16.71 -17.76 -1.45
CA LEU B 68 17.16 -18.12 -0.12
C LEU B 68 18.68 -17.95 0.01
N GLY B 69 19.40 -18.13 -1.10
CA GLY B 69 20.83 -17.94 -1.11
C GLY B 69 21.23 -16.48 -0.93
N ALA B 70 20.39 -15.59 -1.45
CA ALA B 70 20.63 -14.15 -1.31
C ALA B 70 20.42 -13.73 0.15
N PHE B 71 19.37 -14.24 0.77
CA PHE B 71 19.12 -13.97 2.20
C PHE B 71 20.25 -14.53 3.05
N SER B 72 20.78 -15.69 2.68
CA SER B 72 21.93 -16.28 3.38
C SER B 72 23.15 -15.38 3.30
N ASP B 73 23.35 -14.79 2.12
CA ASP B 73 24.49 -13.90 1.91
C ASP B 73 24.29 -12.60 2.68
N GLY B 74 23.04 -12.19 2.82
CA GLY B 74 22.72 -10.97 3.54
C GLY B 74 22.98 -11.14 5.02
N LEU B 75 22.66 -12.32 5.54
CA LEU B 75 22.92 -12.64 6.93
C LEU B 75 24.42 -12.68 7.22
N ALA B 76 25.20 -13.09 6.22
CA ALA B 76 26.64 -13.18 6.39
C ALA B 76 27.32 -11.82 6.25
N HIS B 77 26.57 -10.82 5.81
CA HIS B 77 27.13 -9.46 5.66
C HIS B 77 26.11 -8.41 6.07
N LEU B 78 25.65 -8.49 7.32
CA LEU B 78 24.63 -7.57 7.83
C LEU B 78 25.11 -6.12 7.94
N ASP B 79 26.41 -5.97 7.98
CA ASP B 79 26.99 -4.62 8.06
C ASP B 79 27.10 -4.03 6.65
N ASN B 80 26.93 -4.80 5.60
CA ASN B 80 26.96 -4.14 4.28
C ASN B 80 25.92 -4.70 3.34
N LEU B 81 24.66 -4.54 3.63
CA LEU B 81 23.63 -5.10 2.76
C LEU B 81 23.56 -4.30 1.47
N LYS B 82 23.75 -3.02 1.50
CA LYS B 82 23.70 -2.19 0.26
C LYS B 82 24.77 -2.64 -0.71
N GLY B 83 25.94 -2.95 -0.23
CA GLY B 83 26.97 -3.42 -1.14
C GLY B 83 26.77 -4.84 -1.55
N THR B 84 26.27 -5.67 -0.63
CA THR B 84 26.08 -7.10 -0.93
C THR B 84 25.02 -7.30 -1.98
N PHE B 85 23.98 -6.48 -2.01
CA PHE B 85 22.87 -6.63 -2.94
C PHE B 85 22.92 -5.59 -4.05
N ALA B 86 24.08 -4.98 -4.25
CA ALA B 86 24.23 -3.92 -5.24
C ALA B 86 23.88 -4.39 -6.65
N THR B 87 24.40 -5.57 -7.01
CA THR B 87 24.13 -6.12 -8.34
C THR B 87 22.67 -6.54 -8.48
N LEU B 88 22.16 -7.20 -7.45
CA LEU B 88 20.77 -7.65 -7.46
C LEU B 88 19.78 -6.49 -7.52
N SER B 89 20.18 -5.35 -6.96
CA SER B 89 19.32 -4.16 -6.99
C SER B 89 19.27 -3.54 -8.38
N GLU B 90 20.40 -3.57 -9.08
CA GLU B 90 20.46 -3.10 -10.46
C GLU B 90 19.51 -3.91 -11.32
N LEU B 91 19.49 -5.22 -11.08
CA LEU B 91 18.64 -6.13 -11.82
C LEU B 91 17.16 -5.88 -11.53
N HIS B 92 16.81 -5.89 -10.25
CA HIS B 92 15.40 -5.79 -9.86
C HIS B 92 14.80 -4.40 -10.11
N CYS B 93 15.63 -3.36 -10.06
CA CYS B 93 15.10 -2.00 -10.21
C CYS B 93 15.17 -1.48 -11.65
N ASP B 94 16.36 -1.47 -12.25
CA ASP B 94 16.52 -0.96 -13.62
C ASP B 94 15.90 -1.87 -14.66
N LYS B 95 16.18 -3.16 -14.57
CA LYS B 95 15.77 -4.11 -15.59
C LYS B 95 14.34 -4.58 -15.41
N LEU B 96 14.08 -5.20 -14.26
CA LEU B 96 12.79 -5.83 -14.00
C LEU B 96 11.70 -4.83 -13.59
N HIS B 97 12.13 -3.70 -13.05
CA HIS B 97 11.21 -2.66 -12.56
C HIS B 97 10.20 -3.20 -11.56
N VAL B 98 10.70 -3.94 -10.57
CA VAL B 98 9.86 -4.48 -9.52
C VAL B 98 9.54 -3.40 -8.47
N ASP B 99 8.26 -3.27 -8.13
CA ASP B 99 7.84 -2.28 -7.15
C ASP B 99 8.37 -2.64 -5.76
N PRO B 100 9.00 -1.68 -5.06
CA PRO B 100 9.59 -1.90 -3.74
C PRO B 100 8.65 -2.59 -2.76
N GLU B 101 7.35 -2.32 -2.88
CA GLU B 101 6.33 -2.98 -2.07
C GLU B 101 6.45 -4.50 -2.14
N ASN B 102 6.68 -5.01 -3.35
CA ASN B 102 6.82 -6.44 -3.56
C ASN B 102 8.01 -7.05 -2.81
N PHE B 103 9.08 -6.26 -2.65
CA PHE B 103 10.21 -6.68 -1.84
C PHE B 103 9.82 -6.94 -0.38
N ARG B 104 8.96 -6.10 0.18
CA ARG B 104 8.57 -6.26 1.58
C ARG B 104 7.65 -7.47 1.74
N LEU B 105 6.79 -7.68 0.74
CA LEU B 105 5.85 -8.81 0.78
C LEU B 105 6.59 -10.14 0.84
N LEU B 106 7.56 -10.32 -0.06
CA LEU B 106 8.35 -11.55 -0.11
C LEU B 106 9.12 -11.77 1.20
N GLY B 107 9.68 -10.70 1.74
CA GLY B 107 10.37 -10.77 3.01
C GLY B 107 9.45 -11.31 4.09
N ASN B 108 8.22 -10.80 4.12
CA ASN B 108 7.24 -11.24 5.09
C ASN B 108 6.67 -12.63 4.80
N VAL B 109 6.59 -13.01 3.52
CA VAL B 109 6.18 -14.37 3.17
C VAL B 109 7.24 -15.36 3.67
N LEU B 110 8.51 -14.98 3.54
CA LEU B 110 9.61 -15.79 4.05
C LEU B 110 9.46 -15.99 5.56
N VAL B 111 9.06 -14.93 6.25
CA VAL B 111 8.79 -15.00 7.68
C VAL B 111 7.69 -16.00 7.98
N CYS B 112 6.59 -15.92 7.24
CA CYS B 112 5.49 -16.86 7.41
C CYS B 112 5.94 -18.31 7.20
N VAL B 113 6.79 -18.53 6.21
CA VAL B 113 7.30 -19.86 5.90
C VAL B 113 8.19 -20.40 7.03
N LEU B 114 9.04 -19.54 7.56
CA LEU B 114 9.84 -19.91 8.73
C LEU B 114 8.93 -20.28 9.90
N ALA B 115 7.91 -19.45 10.13
CA ALA B 115 6.91 -19.73 11.16
C ALA B 115 6.25 -21.08 10.92
N HIS B 116 5.89 -21.31 9.65
CA HIS B 116 5.25 -22.54 9.25
C HIS B 116 6.13 -23.77 9.51
N HIS B 117 7.41 -23.65 9.17
CA HIS B 117 8.35 -24.77 9.30
C HIS B 117 8.78 -25.05 10.73
N PHE B 118 8.94 -24.02 11.55
CA PHE B 118 9.53 -24.22 12.86
C PHE B 118 8.55 -24.12 14.02
N GLY B 119 7.31 -23.74 13.71
CA GLY B 119 6.25 -23.69 14.71
C GLY B 119 6.63 -22.86 15.93
N LYS B 120 6.49 -23.46 17.10
CA LYS B 120 6.74 -22.78 18.38
C LYS B 120 8.19 -22.28 18.55
N GLU B 121 9.12 -22.86 17.79
CA GLU B 121 10.52 -22.42 17.84
C GLU B 121 10.66 -21.01 17.25
N PHE B 122 9.69 -20.62 16.41
CA PHE B 122 9.68 -19.28 15.84
C PHE B 122 8.97 -18.31 16.78
N THR B 123 9.61 -18.03 17.92
CA THR B 123 9.05 -17.18 18.96
C THR B 123 8.94 -15.72 18.52
N PRO B 124 8.12 -14.92 19.21
CA PRO B 124 8.07 -13.49 18.87
C PRO B 124 9.42 -12.75 18.91
N PRO B 125 10.31 -13.05 19.87
CA PRO B 125 11.62 -12.38 19.79
C PRO B 125 12.44 -12.82 18.58
N VAL B 126 12.26 -14.08 18.16
CA VAL B 126 12.95 -14.59 16.99
C VAL B 126 12.38 -13.93 15.73
N GLN B 127 11.06 -13.78 15.68
CA GLN B 127 10.43 -13.07 14.57
C GLN B 127 10.93 -11.63 14.49
N ALA B 128 10.97 -10.94 15.62
CA ALA B 128 11.41 -9.55 15.67
C ALA B 128 12.79 -9.38 15.05
N ALA B 129 13.70 -10.29 15.34
CA ALA B 129 15.05 -10.24 14.78
C ALA B 129 15.01 -10.51 13.27
N TYR B 130 14.17 -11.45 12.85
CA TYR B 130 14.07 -11.75 11.44
C TYR B 130 13.40 -10.62 10.67
N GLN B 131 12.53 -9.85 11.34
CA GLN B 131 11.89 -8.72 10.67
C GLN B 131 12.89 -7.63 10.37
N LYS B 132 13.87 -7.46 11.26
CA LYS B 132 14.96 -6.53 11.00
C LYS B 132 15.76 -6.98 9.78
N VAL B 133 15.98 -8.28 9.67
CA VAL B 133 16.75 -8.83 8.56
C VAL B 133 16.07 -8.61 7.22
N VAL B 134 14.79 -8.95 7.13
CA VAL B 134 14.07 -8.89 5.87
C VAL B 134 13.80 -7.45 5.45
N ALA B 135 13.67 -6.55 6.42
CA ALA B 135 13.49 -5.14 6.14
C ALA B 135 14.77 -4.57 5.53
N GLY B 136 15.90 -4.98 6.09
CA GLY B 136 17.20 -4.55 5.61
C GLY B 136 17.51 -5.08 4.22
N VAL B 137 17.13 -6.34 3.96
CA VAL B 137 17.33 -6.93 2.65
C VAL B 137 16.45 -6.22 1.62
N ALA B 138 15.18 -6.03 1.96
CA ALA B 138 14.23 -5.39 1.08
C ALA B 138 14.68 -3.98 0.71
N ASN B 139 15.22 -3.26 1.70
CA ASN B 139 15.70 -1.91 1.48
C ASN B 139 16.98 -1.87 0.64
N ALA B 140 17.87 -2.83 0.88
CA ALA B 140 19.12 -2.93 0.13
C ALA B 140 18.87 -3.29 -1.34
N LEU B 141 17.73 -3.91 -1.62
CA LEU B 141 17.40 -4.28 -2.98
C LEU B 141 16.78 -3.10 -3.73
N ALA B 142 16.57 -1.99 -3.03
CA ALA B 142 15.86 -0.87 -3.64
C ALA B 142 16.59 0.47 -3.54
N HIS B 143 17.89 0.45 -3.24
CA HIS B 143 18.62 1.69 -3.10
C HIS B 143 18.78 2.38 -4.44
N LYS B 144 18.82 1.57 -5.49
CA LYS B 144 18.98 2.09 -6.84
C LYS B 144 17.69 2.73 -7.35
N TYR B 145 16.64 2.62 -6.54
CA TYR B 145 15.45 3.45 -6.72
C TYR B 145 15.68 4.79 -6.04
N HIS B 146 16.44 4.74 -4.94
CA HIS B 146 16.76 5.94 -4.18
C HIS B 146 17.87 6.73 -4.88
N VAL C 1 -15.50 0.57 1.21
CA VAL C 1 -16.87 0.83 1.62
C VAL C 1 -17.12 2.34 1.67
N LEU C 2 -18.27 2.78 1.16
CA LEU C 2 -18.53 4.20 0.99
C LEU C 2 -19.68 4.71 1.87
N SER C 3 -19.51 5.92 2.41
CA SER C 3 -20.57 6.55 3.20
C SER C 3 -21.68 7.03 2.26
N PRO C 4 -22.87 7.29 2.81
CA PRO C 4 -23.95 7.86 1.98
C PRO C 4 -23.54 9.19 1.35
N ALA C 5 -22.75 9.97 2.07
CA ALA C 5 -22.26 11.25 1.56
C ALA C 5 -21.27 11.04 0.41
N ASP C 6 -20.42 10.02 0.53
CA ASP C 6 -19.50 9.65 -0.53
C ASP C 6 -20.25 9.28 -1.81
N LYS C 7 -21.28 8.46 -1.67
CA LYS C 7 -22.07 8.05 -2.84
C LYS C 7 -22.72 9.27 -3.49
N THR C 8 -23.15 10.20 -2.65
CA THR C 8 -23.78 11.43 -3.12
C THR C 8 -22.78 12.29 -3.90
N ASN C 9 -21.57 12.43 -3.38
CA ASN C 9 -20.54 13.23 -4.03
C ASN C 9 -20.07 12.61 -5.33
N VAL C 10 -19.84 11.31 -5.32
CA VAL C 10 -19.37 10.62 -6.51
C VAL C 10 -20.38 10.72 -7.64
N LYS C 11 -21.65 10.42 -7.34
CA LYS C 11 -22.71 10.49 -8.35
C LYS C 11 -22.86 11.90 -8.90
N ALA C 12 -22.68 12.91 -8.04
CA ALA C 12 -22.83 14.30 -8.43
C ALA C 12 -21.68 14.76 -9.32
N ALA C 13 -20.45 14.44 -8.93
CA ALA C 13 -19.28 14.86 -9.69
C ALA C 13 -19.15 14.11 -11.01
N TRP C 14 -19.31 12.79 -10.98
CA TRP C 14 -19.12 11.99 -12.18
C TRP C 14 -20.25 12.28 -13.17
N GLY C 15 -21.42 12.61 -12.66
CA GLY C 15 -22.54 13.00 -13.50
C GLY C 15 -22.24 14.22 -14.34
N LYS C 16 -21.39 15.12 -13.82
CA LYS C 16 -21.02 16.33 -14.54
C LYS C 16 -19.94 16.07 -15.60
N VAL C 17 -19.37 14.88 -15.58
CA VAL C 17 -18.46 14.45 -16.65
C VAL C 17 -19.25 14.25 -17.95
N GLY C 18 -20.31 13.47 -17.86
CA GLY C 18 -21.26 13.29 -18.96
C GLY C 18 -20.67 12.89 -20.30
N ALA C 19 -20.80 13.78 -21.28
CA ALA C 19 -20.34 13.50 -22.63
C ALA C 19 -18.82 13.60 -22.76
N HIS C 20 -18.16 14.06 -21.70
CA HIS C 20 -16.70 14.16 -21.68
C HIS C 20 -16.05 12.87 -21.15
N ALA C 21 -16.82 11.79 -21.14
CA ALA C 21 -16.36 10.51 -20.64
C ALA C 21 -15.09 10.03 -21.33
N GLY C 22 -15.19 9.80 -22.63
CA GLY C 22 -14.07 9.32 -23.42
C GLY C 22 -12.86 10.23 -23.38
N GLU C 23 -13.09 11.54 -23.45
CA GLU C 23 -12.01 12.51 -23.38
C GLU C 23 -11.25 12.40 -22.06
N TYR C 24 -11.98 12.40 -20.95
CA TYR C 24 -11.34 12.35 -19.63
C TYR C 24 -10.66 10.99 -19.44
N GLY C 25 -11.31 9.94 -19.91
CA GLY C 25 -10.74 8.60 -19.86
C GLY C 25 -9.43 8.54 -20.63
N ALA C 26 -9.43 9.02 -21.87
CA ALA C 26 -8.23 9.00 -22.69
C ALA C 26 -7.12 9.86 -22.08
N GLU C 27 -7.49 11.02 -21.54
CA GLU C 27 -6.51 11.91 -20.96
C GLU C 27 -5.85 11.28 -19.73
N ALA C 28 -6.65 10.62 -18.90
CA ALA C 28 -6.12 9.95 -17.71
C ALA C 28 -5.15 8.85 -18.10
N LEU C 29 -5.50 8.08 -19.13
CA LEU C 29 -4.62 7.03 -19.61
C LEU C 29 -3.29 7.62 -20.10
N GLU C 30 -3.38 8.66 -20.91
CA GLU C 30 -2.17 9.29 -21.47
C GLU C 30 -1.30 9.92 -20.38
N ARG C 31 -1.93 10.47 -19.35
CA ARG C 31 -1.21 10.98 -18.19
C ARG C 31 -0.47 9.85 -17.48
N MET C 32 -1.15 8.72 -17.28
CA MET C 32 -0.55 7.57 -16.62
C MET C 32 0.65 7.06 -17.40
N PHE C 33 0.45 6.84 -18.70
CA PHE C 33 1.51 6.32 -19.56
C PHE C 33 2.74 7.23 -19.56
N LEU C 34 2.50 8.54 -19.61
CA LEU C 34 3.60 9.49 -19.68
C LEU C 34 4.28 9.68 -18.32
N SER C 35 3.49 9.69 -17.24
CA SER C 35 4.06 9.90 -15.90
C SER C 35 4.68 8.64 -15.32
N PHE C 36 4.08 7.51 -15.62
CA PHE C 36 4.55 6.22 -15.11
C PHE C 36 4.68 5.23 -16.26
N PRO C 37 5.77 5.37 -17.05
CA PRO C 37 5.95 4.61 -18.30
C PRO C 37 5.93 3.09 -18.14
N THR C 38 6.16 2.57 -16.93
CA THR C 38 6.12 1.12 -16.73
C THR C 38 4.72 0.58 -16.97
N THR C 39 3.71 1.43 -16.81
CA THR C 39 2.32 1.02 -17.04
C THR C 39 2.07 0.66 -18.51
N LYS C 40 2.91 1.15 -19.41
CA LYS C 40 2.76 0.87 -20.83
C LYS C 40 2.99 -0.61 -21.18
N THR C 41 3.76 -1.29 -20.34
CA THR C 41 4.06 -2.70 -20.58
C THR C 41 2.83 -3.59 -20.42
N TYR C 42 1.77 -3.04 -19.85
CA TYR C 42 0.51 -3.77 -19.74
C TYR C 42 -0.22 -3.72 -21.07
N PHE C 43 0.21 -2.82 -21.95
CA PHE C 43 -0.42 -2.66 -23.26
C PHE C 43 0.58 -2.86 -24.41
N PRO C 44 1.19 -4.07 -24.49
CA PRO C 44 2.32 -4.28 -25.41
C PRO C 44 1.97 -4.12 -26.90
N HIS C 45 0.74 -4.42 -27.27
CA HIS C 45 0.36 -4.40 -28.68
C HIS C 45 -0.54 -3.19 -29.01
N PHE C 46 -0.59 -2.23 -28.09
CA PHE C 46 -1.38 -1.03 -28.31
C PHE C 46 -0.56 0.02 -29.05
N ASP C 47 -1.26 0.88 -29.78
CA ASP C 47 -0.69 2.13 -30.29
C ASP C 47 -0.82 3.20 -29.21
N LEU C 48 0.28 3.47 -28.50
CA LEU C 48 0.23 4.39 -27.36
C LEU C 48 0.83 5.76 -27.68
N SER C 49 0.91 6.11 -28.96
CA SER C 49 1.37 7.43 -29.36
C SER C 49 0.38 8.49 -28.91
N HIS C 50 0.83 9.73 -28.79
CA HIS C 50 -0.04 10.82 -28.34
C HIS C 50 -1.21 11.03 -29.30
N GLY C 51 -2.42 11.08 -28.75
CA GLY C 51 -3.60 11.33 -29.56
C GLY C 51 -4.03 10.11 -30.36
N SER C 52 -3.56 8.93 -29.94
CA SER C 52 -3.87 7.66 -30.57
C SER C 52 -5.37 7.34 -30.57
N ALA C 53 -5.89 6.88 -31.70
CA ALA C 53 -7.29 6.51 -31.77
C ALA C 53 -7.60 5.35 -30.82
N GLN C 54 -6.66 4.40 -30.71
CA GLN C 54 -6.85 3.26 -29.81
C GLN C 54 -6.97 3.71 -28.36
N VAL C 55 -6.13 4.66 -27.95
CA VAL C 55 -6.17 5.20 -26.59
C VAL C 55 -7.45 5.97 -26.34
N LYS C 56 -7.89 6.72 -27.35
CA LYS C 56 -9.18 7.40 -27.33
C LYS C 56 -10.28 6.39 -27.07
N GLY C 57 -10.28 5.32 -27.85
CA GLY C 57 -11.28 4.28 -27.72
C GLY C 57 -11.22 3.61 -26.36
N HIS C 58 -10.01 3.34 -25.89
CA HIS C 58 -9.87 2.61 -24.64
C HIS C 58 -10.26 3.49 -23.44
N GLY C 59 -9.95 4.77 -23.52
CA GLY C 59 -10.37 5.72 -22.48
C GLY C 59 -11.88 5.79 -22.36
N LYS C 60 -12.57 5.63 -23.49
CA LYS C 60 -14.03 5.62 -23.50
C LYS C 60 -14.55 4.39 -22.76
N LYS C 61 -13.85 3.27 -22.93
CA LYS C 61 -14.24 2.02 -22.28
C LYS C 61 -14.07 2.14 -20.77
N VAL C 62 -12.92 2.67 -20.35
CA VAL C 62 -12.65 2.88 -18.94
C VAL C 62 -13.68 3.80 -18.30
N ALA C 63 -13.91 4.96 -18.91
CA ALA C 63 -14.89 5.92 -18.39
C ALA C 63 -16.29 5.31 -18.26
N ASP C 64 -16.72 4.59 -19.28
CA ASP C 64 -18.05 4.00 -19.27
C ASP C 64 -18.18 2.92 -18.21
N ALA C 65 -17.10 2.20 -17.94
CA ALA C 65 -17.05 1.23 -16.86
C ALA C 65 -17.24 1.92 -15.52
N LEU C 66 -16.56 3.05 -15.35
CA LEU C 66 -16.70 3.85 -14.14
C LEU C 66 -18.13 4.36 -13.97
N THR C 67 -18.76 4.79 -15.06
CA THR C 67 -20.16 5.23 -15.00
C THR C 67 -21.02 4.07 -14.51
N ASN C 68 -20.76 2.88 -15.03
CA ASN C 68 -21.46 1.68 -14.62
C ASN C 68 -21.24 1.41 -13.13
N ALA C 69 -19.99 1.49 -12.69
CA ALA C 69 -19.65 1.34 -11.28
C ALA C 69 -20.43 2.33 -10.41
N VAL C 70 -20.54 3.56 -10.87
CA VAL C 70 -21.20 4.61 -10.11
C VAL C 70 -22.70 4.32 -9.95
N ALA C 71 -23.31 3.81 -11.01
CA ALA C 71 -24.72 3.45 -10.99
C ALA C 71 -24.97 2.22 -10.12
N HIS C 72 -23.97 1.35 -9.99
CA HIS C 72 -24.11 0.15 -9.18
C HIS C 72 -23.17 0.14 -7.98
N VAL C 73 -23.12 1.27 -7.28
CA VAL C 73 -22.17 1.43 -6.19
C VAL C 73 -22.53 0.53 -5.00
N ASP C 74 -23.79 0.10 -4.93
CA ASP C 74 -24.24 -0.79 -3.87
C ASP C 74 -24.16 -2.26 -4.28
N ASP C 75 -23.66 -2.51 -5.49
CA ASP C 75 -23.58 -3.88 -6.00
C ASP C 75 -22.39 -4.02 -6.94
N MET C 76 -21.33 -3.27 -6.65
CA MET C 76 -20.15 -3.22 -7.52
C MET C 76 -19.47 -4.57 -7.81
N PRO C 77 -19.26 -5.42 -6.80
CA PRO C 77 -18.62 -6.71 -7.12
C PRO C 77 -19.40 -7.52 -8.16
N ASN C 78 -20.73 -7.40 -8.12
CA ASN C 78 -21.57 -8.08 -9.09
C ASN C 78 -21.44 -7.45 -10.48
N ALA C 79 -21.49 -6.12 -10.51
CA ALA C 79 -21.50 -5.37 -11.77
C ALA C 79 -20.15 -5.41 -12.49
N LEU C 80 -19.07 -5.49 -11.71
CA LEU C 80 -17.72 -5.44 -12.27
C LEU C 80 -17.05 -6.81 -12.33
N SER C 81 -17.83 -7.87 -12.15
CA SER C 81 -17.29 -9.23 -12.10
C SER C 81 -16.51 -9.60 -13.36
N ALA C 82 -17.03 -9.23 -14.52
CA ALA C 82 -16.33 -9.50 -15.78
C ALA C 82 -15.02 -8.70 -15.84
N LEU C 83 -15.05 -7.46 -15.37
CA LEU C 83 -13.83 -6.66 -15.38
C LEU C 83 -12.83 -7.19 -14.36
N SER C 84 -13.33 -7.83 -13.31
CA SER C 84 -12.48 -8.46 -12.32
C SER C 84 -11.78 -9.69 -12.90
N ASP C 85 -12.52 -10.49 -13.66
CA ASP C 85 -11.94 -11.64 -14.38
C ASP C 85 -10.74 -11.19 -15.22
N LEU C 86 -10.94 -10.10 -15.94
CA LEU C 86 -9.92 -9.57 -16.84
C LEU C 86 -8.68 -9.09 -16.09
N HIS C 87 -8.85 -8.13 -15.19
CA HIS C 87 -7.72 -7.50 -14.51
C HIS C 87 -7.06 -8.39 -13.46
N ALA C 88 -7.84 -9.16 -12.71
CA ALA C 88 -7.29 -9.95 -11.61
C ALA C 88 -6.81 -11.35 -12.03
N HIS C 89 -7.59 -12.04 -12.85
CA HIS C 89 -7.25 -13.42 -13.24
C HIS C 89 -6.36 -13.47 -14.46
N LYS C 90 -6.80 -12.84 -15.55
CA LYS C 90 -6.04 -12.86 -16.80
C LYS C 90 -4.82 -11.96 -16.77
N LEU C 91 -5.03 -10.66 -16.58
CA LEU C 91 -3.94 -9.71 -16.64
C LEU C 91 -3.07 -9.74 -15.39
N ARG C 92 -3.70 -10.04 -14.25
CA ARG C 92 -3.04 -9.99 -12.96
C ARG C 92 -2.33 -8.64 -12.75
N VAL C 93 -3.10 -7.56 -12.83
CA VAL C 93 -2.51 -6.22 -12.71
C VAL C 93 -2.05 -5.97 -11.26
N ASP C 94 -0.82 -5.49 -11.12
CA ASP C 94 -0.29 -5.09 -9.82
C ASP C 94 -1.10 -3.90 -9.33
N PRO C 95 -1.71 -4.05 -8.13
CA PRO C 95 -2.58 -3.03 -7.52
C PRO C 95 -1.95 -1.65 -7.44
N VAL C 96 -0.63 -1.55 -7.44
CA VAL C 96 0.02 -0.24 -7.43
C VAL C 96 -0.34 0.54 -8.70
N ASN C 97 -0.65 -0.18 -9.78
CA ASN C 97 -0.95 0.46 -11.05
C ASN C 97 -2.35 1.10 -11.04
N PHE C 98 -3.23 0.51 -10.25
CA PHE C 98 -4.57 1.07 -10.07
C PHE C 98 -4.50 2.37 -9.27
N LYS C 99 -3.55 2.45 -8.34
CA LYS C 99 -3.36 3.68 -7.59
C LYS C 99 -2.94 4.80 -8.55
N LEU C 100 -2.04 4.44 -9.47
CA LEU C 100 -1.52 5.40 -10.44
C LEU C 100 -2.61 5.93 -11.37
N LEU C 101 -3.46 5.04 -11.90
CA LEU C 101 -4.54 5.47 -12.78
C LEU C 101 -5.62 6.26 -12.04
N SER C 102 -5.95 5.83 -10.82
CA SER C 102 -6.91 6.55 -9.98
C SER C 102 -6.44 7.98 -9.69
N HIS C 103 -5.15 8.11 -9.41
CA HIS C 103 -4.55 9.41 -9.19
C HIS C 103 -4.65 10.28 -10.45
N CYS C 104 -4.36 9.68 -11.60
CA CYS C 104 -4.42 10.41 -12.87
C CYS C 104 -5.86 10.78 -13.23
N LEU C 105 -6.80 9.94 -12.84
CA LEU C 105 -8.22 10.25 -13.00
C LEU C 105 -8.58 11.46 -12.13
N LEU C 106 -8.02 11.53 -10.93
CA LEU C 106 -8.28 12.67 -10.06
C LEU C 106 -7.68 13.94 -10.66
N VAL C 107 -6.44 13.83 -11.10
CA VAL C 107 -5.74 14.94 -11.74
C VAL C 107 -6.57 15.48 -12.92
N THR C 108 -7.07 14.58 -13.75
CA THR C 108 -7.88 14.96 -14.90
C THR C 108 -9.18 15.66 -14.49
N LEU C 109 -9.83 15.15 -13.46
CA LEU C 109 -11.10 15.74 -13.01
C LEU C 109 -10.87 17.12 -12.43
N ALA C 110 -9.79 17.26 -11.66
CA ALA C 110 -9.40 18.54 -11.07
C ALA C 110 -9.02 19.54 -12.14
N ALA C 111 -8.42 19.06 -13.22
CA ALA C 111 -7.99 19.93 -14.29
C ALA C 111 -9.17 20.45 -15.12
N HIS C 112 -10.24 19.66 -15.19
CA HIS C 112 -11.40 19.99 -16.01
C HIS C 112 -12.61 20.50 -15.21
N LEU C 113 -12.72 20.12 -13.94
CA LEU C 113 -13.87 20.51 -13.13
C LEU C 113 -13.47 21.15 -11.81
N PRO C 114 -12.90 22.37 -11.88
CA PRO C 114 -12.38 23.04 -10.69
C PRO C 114 -13.44 23.35 -9.64
N ALA C 115 -14.65 23.69 -10.07
CA ALA C 115 -15.70 24.10 -9.14
C ALA C 115 -16.29 22.91 -8.38
N GLU C 116 -16.23 21.74 -8.98
CA GLU C 116 -16.80 20.55 -8.36
C GLU C 116 -15.76 19.76 -7.55
N PHE C 117 -14.47 19.97 -7.84
CA PHE C 117 -13.41 19.24 -7.16
C PHE C 117 -13.07 19.83 -5.79
N THR C 118 -14.05 19.84 -4.91
CA THR C 118 -13.86 20.32 -3.54
C THR C 118 -13.15 19.24 -2.71
N PRO C 119 -12.57 19.62 -1.56
CA PRO C 119 -11.92 18.63 -0.69
C PRO C 119 -12.82 17.45 -0.31
N ALA C 120 -14.09 17.71 -0.01
CA ALA C 120 -15.02 16.63 0.30
C ALA C 120 -15.24 15.69 -0.89
N VAL C 121 -15.41 16.26 -2.08
CA VAL C 121 -15.66 15.48 -3.30
C VAL C 121 -14.41 14.71 -3.73
N HIS C 122 -13.27 15.39 -3.64
CA HIS C 122 -11.95 14.78 -3.81
C HIS C 122 -11.81 13.52 -2.96
N ALA C 123 -12.04 13.66 -1.65
CA ALA C 123 -11.95 12.53 -0.72
C ALA C 123 -12.90 11.40 -1.12
N SER C 124 -14.14 11.76 -1.44
CA SER C 124 -15.14 10.77 -1.84
C SER C 124 -14.72 10.04 -3.12
N LEU C 125 -14.22 10.80 -4.09
CA LEU C 125 -13.78 10.21 -5.36
C LEU C 125 -12.59 9.27 -5.16
N ASP C 126 -11.66 9.68 -4.30
CA ASP C 126 -10.50 8.85 -3.99
C ASP C 126 -10.92 7.51 -3.39
N LYS C 127 -11.85 7.54 -2.44
CA LYS C 127 -12.34 6.32 -1.81
C LYS C 127 -13.11 5.45 -2.79
N PHE C 128 -13.86 6.10 -3.69
CA PHE C 128 -14.61 5.38 -4.70
C PHE C 128 -13.67 4.63 -5.65
N LEU C 129 -12.64 5.32 -6.12
CA LEU C 129 -11.68 4.71 -7.06
C LEU C 129 -10.87 3.63 -6.36
N ALA C 130 -10.66 3.78 -5.05
CA ALA C 130 -10.00 2.74 -4.27
C ALA C 130 -10.89 1.51 -4.19
N SER C 131 -12.19 1.72 -4.08
CA SER C 131 -13.16 0.62 -4.04
C SER C 131 -13.14 -0.15 -5.36
N VAL C 132 -13.18 0.59 -6.46
CA VAL C 132 -13.14 0.02 -7.79
C VAL C 132 -11.87 -0.80 -7.99
N SER C 133 -10.74 -0.24 -7.55
CA SER C 133 -9.45 -0.87 -7.72
C SER C 133 -9.35 -2.21 -7.00
N THR C 134 -9.91 -2.27 -5.80
CA THR C 134 -9.91 -3.49 -5.02
C THR C 134 -10.76 -4.57 -5.67
N VAL C 135 -11.93 -4.16 -6.16
CA VAL C 135 -12.82 -5.10 -6.84
C VAL C 135 -12.15 -5.70 -8.07
N LEU C 136 -11.45 -4.87 -8.85
CA LEU C 136 -10.86 -5.33 -10.11
C LEU C 136 -9.58 -6.13 -9.91
N THR C 137 -8.91 -5.90 -8.79
CA THR C 137 -7.66 -6.60 -8.49
C THR C 137 -7.88 -7.88 -7.68
N SER C 138 -9.12 -8.15 -7.31
CA SER C 138 -9.43 -9.32 -6.49
C SER C 138 -10.15 -10.41 -7.28
N LYS C 139 -9.72 -11.66 -7.10
CA LYS C 139 -10.39 -12.80 -7.70
C LYS C 139 -11.45 -13.35 -6.75
N TYR C 140 -12.72 -13.12 -7.08
CA TYR C 140 -13.79 -13.57 -6.19
C TYR C 140 -14.82 -14.46 -6.89
N ARG C 141 -14.37 -15.19 -7.92
CA ARG C 141 -15.21 -16.18 -8.58
C ARG C 141 -14.74 -17.59 -8.29
N VAL D 1 18.52 11.50 -7.76
CA VAL D 1 18.33 12.86 -8.23
C VAL D 1 18.60 12.94 -9.72
N HIS D 2 17.52 13.25 -10.41
CA HIS D 2 17.34 13.01 -11.82
C HIS D 2 16.43 14.07 -12.42
N LEU D 3 15.64 13.77 -13.45
CA LEU D 3 14.95 14.77 -14.29
C LEU D 3 15.85 15.23 -15.44
N THR D 4 15.30 15.08 -16.63
CA THR D 4 15.92 15.57 -17.85
C THR D 4 15.93 17.09 -17.81
N PRO D 5 16.81 17.70 -18.62
CA PRO D 5 16.81 19.17 -18.73
C PRO D 5 15.44 19.75 -19.05
N GLU D 6 14.68 19.09 -19.94
CA GLU D 6 13.36 19.58 -20.32
C GLU D 6 12.38 19.49 -19.16
N GLU D 7 12.49 18.44 -18.37
CA GLU D 7 11.63 18.28 -17.20
C GLU D 7 11.92 19.35 -16.15
N LYS D 8 13.19 19.70 -15.99
CA LYS D 8 13.59 20.76 -15.07
C LYS D 8 13.05 22.11 -15.50
N SER D 9 13.09 22.37 -16.81
CA SER D 9 12.57 23.60 -17.38
C SER D 9 11.06 23.72 -17.16
N ALA D 10 10.36 22.60 -17.32
CA ALA D 10 8.91 22.56 -17.16
C ALA D 10 8.50 22.80 -15.72
N VAL D 11 9.20 22.17 -14.78
CA VAL D 11 8.89 22.31 -13.36
C VAL D 11 9.19 23.72 -12.86
N THR D 12 10.33 24.27 -13.27
CA THR D 12 10.75 25.61 -12.86
C THR D 12 9.81 26.69 -13.40
N ALA D 13 9.39 26.54 -14.65
CA ALA D 13 8.53 27.51 -15.29
C ALA D 13 7.17 27.59 -14.60
N LEU D 14 6.61 26.44 -14.23
CA LEU D 14 5.31 26.41 -13.59
C LEU D 14 5.37 26.91 -12.15
N TRP D 15 6.41 26.53 -11.43
CA TRP D 15 6.52 26.86 -10.02
C TRP D 15 6.64 28.37 -9.80
N GLY D 16 7.21 29.07 -10.78
CA GLY D 16 7.26 30.52 -10.76
C GLY D 16 5.90 31.18 -10.71
N LYS D 17 4.85 30.47 -11.11
CA LYS D 17 3.50 31.01 -11.11
C LYS D 17 2.66 30.45 -9.97
N VAL D 18 3.30 29.73 -9.06
CA VAL D 18 2.61 29.11 -7.93
C VAL D 18 2.48 30.08 -6.76
N ASN D 19 1.26 30.21 -6.23
CA ASN D 19 1.03 31.01 -5.03
C ASN D 19 1.59 30.30 -3.81
N VAL D 20 2.78 30.73 -3.39
CA VAL D 20 3.47 30.10 -2.27
C VAL D 20 2.75 30.26 -0.93
N ASP D 21 1.74 31.12 -0.89
CA ASP D 21 1.00 31.36 0.35
C ASP D 21 -0.27 30.50 0.47
N GLU D 22 -0.71 29.91 -0.63
CA GLU D 22 -1.99 29.22 -0.65
C GLU D 22 -1.88 27.72 -0.93
N VAL D 23 -1.05 27.35 -1.92
CA VAL D 23 -0.98 25.97 -2.39
C VAL D 23 -0.61 24.97 -1.30
N GLY D 24 0.35 25.33 -0.46
CA GLY D 24 0.77 24.48 0.65
C GLY D 24 -0.33 24.17 1.64
N GLY D 25 -1.12 25.19 1.98
CA GLY D 25 -2.26 25.01 2.87
C GLY D 25 -3.33 24.13 2.27
N GLU D 26 -3.60 24.32 0.97
CA GLU D 26 -4.54 23.48 0.24
C GLU D 26 -4.10 22.02 0.28
N ALA D 27 -2.83 21.77 -0.03
CA ALA D 27 -2.32 20.42 -0.11
C ALA D 27 -2.39 19.72 1.23
N LEU D 28 -1.87 20.36 2.28
CA LEU D 28 -1.90 19.78 3.62
C LEU D 28 -3.33 19.55 4.08
N GLY D 29 -4.19 20.55 3.88
CA GLY D 29 -5.59 20.45 4.22
C GLY D 29 -6.29 19.29 3.53
N ARG D 30 -6.04 19.12 2.23
CA ARG D 30 -6.65 18.02 1.49
C ARG D 30 -6.09 16.67 1.95
N LEU D 31 -4.81 16.63 2.28
CA LEU D 31 -4.21 15.42 2.84
C LEU D 31 -5.01 14.95 4.06
N LEU D 32 -5.24 15.87 4.99
CA LEU D 32 -5.98 15.58 6.21
C LEU D 32 -7.44 15.17 5.96
N VAL D 33 -8.05 15.73 4.92
CA VAL D 33 -9.44 15.42 4.61
C VAL D 33 -9.58 14.11 3.84
N VAL D 34 -8.70 13.90 2.86
CA VAL D 34 -8.76 12.70 2.03
C VAL D 34 -8.22 11.47 2.76
N TYR D 35 -7.20 11.66 3.59
CA TYR D 35 -6.63 10.56 4.36
C TYR D 35 -6.64 10.88 5.84
N PRO D 36 -7.82 10.75 6.47
CA PRO D 36 -8.11 11.27 7.81
C PRO D 36 -7.20 10.74 8.94
N TRP D 37 -6.54 9.60 8.75
CA TRP D 37 -5.63 9.10 9.78
C TRP D 37 -4.43 10.03 9.95
N THR D 38 -4.15 10.84 8.94
CA THR D 38 -3.00 11.74 9.00
C THR D 38 -3.22 12.85 10.02
N GLN D 39 -4.48 13.11 10.34
CA GLN D 39 -4.85 14.11 11.34
C GLN D 39 -4.27 13.80 12.71
N ARG D 40 -3.98 12.52 12.95
CA ARG D 40 -3.47 12.06 14.23
C ARG D 40 -2.15 12.73 14.58
N PHE D 41 -1.39 13.11 13.55
CA PHE D 41 -0.10 13.76 13.76
C PHE D 41 -0.24 15.24 14.07
N PHE D 42 -1.46 15.77 13.96
CA PHE D 42 -1.68 17.21 14.13
C PHE D 42 -2.77 17.54 15.18
N GLU D 43 -2.77 16.82 16.29
CA GLU D 43 -3.83 16.98 17.29
C GLU D 43 -3.77 18.29 18.06
N SER D 44 -2.64 18.99 17.98
CA SER D 44 -2.52 20.29 18.62
C SER D 44 -3.00 21.42 17.71
N PHE D 45 -3.43 21.06 16.50
CA PHE D 45 -3.81 22.06 15.51
C PHE D 45 -5.25 22.54 15.68
N GLY D 46 -6.00 21.86 16.53
CA GLY D 46 -7.35 22.27 16.84
C GLY D 46 -8.43 21.51 16.08
N ASP D 47 -9.44 22.24 15.63
CA ASP D 47 -10.60 21.63 14.97
C ASP D 47 -10.24 21.03 13.61
N LEU D 48 -10.40 19.71 13.50
CA LEU D 48 -10.18 19.00 12.26
C LEU D 48 -11.34 18.05 11.97
N SER D 49 -12.50 18.36 12.55
CA SER D 49 -13.67 17.47 12.49
C SER D 49 -14.31 17.40 11.10
N THR D 50 -14.46 18.56 10.46
CA THR D 50 -15.10 18.64 9.15
C THR D 50 -14.11 19.15 8.10
N PRO D 51 -14.37 18.86 6.81
CA PRO D 51 -13.56 19.43 5.73
C PRO D 51 -13.40 20.96 5.82
N ASP D 52 -14.51 21.67 6.07
CA ASP D 52 -14.48 23.12 6.18
C ASP D 52 -13.65 23.58 7.37
N ALA D 53 -13.73 22.84 8.48
CA ALA D 53 -12.91 23.13 9.65
C ALA D 53 -11.42 23.00 9.32
N VAL D 54 -11.06 21.92 8.62
CA VAL D 54 -9.68 21.68 8.25
C VAL D 54 -9.15 22.76 7.31
N MET D 55 -9.85 23.00 6.21
CA MET D 55 -9.38 23.94 5.20
C MET D 55 -9.34 25.38 5.75
N GLY D 56 -10.18 25.66 6.74
CA GLY D 56 -10.22 26.99 7.33
C GLY D 56 -9.39 27.12 8.59
N ASN D 57 -8.72 26.05 8.98
CA ASN D 57 -7.87 26.07 10.16
C ASN D 57 -6.58 26.85 9.91
N PRO D 58 -6.40 27.97 10.65
CA PRO D 58 -5.24 28.85 10.51
C PRO D 58 -3.90 28.13 10.67
N LYS D 59 -3.83 27.19 11.61
CA LYS D 59 -2.60 26.44 11.85
C LYS D 59 -2.29 25.50 10.68
N VAL D 60 -3.33 24.99 10.03
CA VAL D 60 -3.11 24.12 8.86
C VAL D 60 -2.52 24.92 7.71
N LYS D 61 -3.14 26.06 7.42
CA LYS D 61 -2.66 26.95 6.36
C LYS D 61 -1.24 27.46 6.66
N ALA D 62 -0.97 27.80 7.91
CA ALA D 62 0.36 28.28 8.30
C ALA D 62 1.41 27.20 8.11
N HIS D 63 1.12 26.00 8.62
CA HIS D 63 2.07 24.90 8.50
C HIS D 63 2.24 24.50 7.03
N GLY D 64 1.16 24.56 6.27
CA GLY D 64 1.20 24.23 4.86
C GLY D 64 2.17 25.14 4.14
N LYS D 65 2.32 26.36 4.63
CA LYS D 65 3.19 27.29 3.97
C LYS D 65 4.64 26.86 4.18
N LYS D 66 4.95 26.32 5.36
CA LYS D 66 6.28 25.81 5.67
C LYS D 66 6.60 24.60 4.81
N VAL D 67 5.63 23.70 4.74
CA VAL D 67 5.71 22.52 3.89
C VAL D 67 6.04 22.91 2.45
N LEU D 68 5.29 23.87 1.90
CA LEU D 68 5.51 24.30 0.52
C LEU D 68 6.85 25.00 0.34
N GLY D 69 7.27 25.73 1.37
CA GLY D 69 8.58 26.36 1.36
C GLY D 69 9.68 25.31 1.23
N ALA D 70 9.47 24.15 1.84
CA ALA D 70 10.43 23.07 1.74
C ALA D 70 10.42 22.47 0.33
N PHE D 71 9.24 22.41 -0.28
CA PHE D 71 9.14 21.95 -1.66
C PHE D 71 9.87 22.93 -2.59
N SER D 72 9.75 24.22 -2.33
CA SER D 72 10.46 25.23 -3.10
C SER D 72 11.97 25.03 -2.99
N ASP D 73 12.42 24.70 -1.79
CA ASP D 73 13.83 24.46 -1.54
C ASP D 73 14.29 23.23 -2.30
N GLY D 74 13.41 22.24 -2.41
CA GLY D 74 13.69 21.06 -3.18
C GLY D 74 13.87 21.39 -4.65
N LEU D 75 12.99 22.23 -5.17
CA LEU D 75 13.01 22.58 -6.59
C LEU D 75 14.23 23.42 -6.98
N ALA D 76 14.83 24.08 -5.99
CA ALA D 76 16.03 24.87 -6.23
C ALA D 76 17.28 23.99 -6.15
N HIS D 77 17.11 22.74 -5.72
CA HIS D 77 18.22 21.81 -5.60
C HIS D 77 17.83 20.42 -6.07
N LEU D 78 17.28 20.34 -7.28
CA LEU D 78 16.71 19.11 -7.81
C LEU D 78 17.71 17.95 -7.91
N ASP D 79 18.99 18.27 -8.06
CA ASP D 79 20.02 17.23 -8.14
C ASP D 79 20.60 16.87 -6.77
N ASN D 80 19.99 17.39 -5.71
CA ASN D 80 20.41 17.06 -4.35
C ASN D 80 19.24 17.09 -3.37
N LEU D 81 18.28 16.20 -3.61
CA LEU D 81 17.06 16.18 -2.79
C LEU D 81 17.31 15.52 -1.44
N LYS D 82 18.21 14.54 -1.42
CA LYS D 82 18.50 13.82 -0.17
C LYS D 82 19.10 14.75 0.87
N GLY D 83 20.06 15.58 0.45
CA GLY D 83 20.67 16.54 1.34
C GLY D 83 19.72 17.66 1.73
N THR D 84 18.90 18.09 0.78
CA THR D 84 17.97 19.18 1.01
C THR D 84 16.95 18.84 2.09
N PHE D 85 16.49 17.59 2.10
CA PHE D 85 15.48 17.15 3.07
C PHE D 85 16.05 16.26 4.17
N ALA D 86 17.36 16.32 4.36
CA ALA D 86 18.05 15.44 5.31
C ALA D 86 17.53 15.60 6.75
N THR D 87 17.54 16.84 7.23
CA THR D 87 17.06 17.16 8.58
C THR D 87 15.58 16.83 8.76
N LEU D 88 14.78 17.14 7.75
CA LEU D 88 13.36 16.84 7.79
C LEU D 88 13.11 15.33 7.83
N SER D 89 13.98 14.58 7.16
CA SER D 89 13.89 13.12 7.16
C SER D 89 14.07 12.58 8.56
N GLU D 90 15.05 13.10 9.29
CA GLU D 90 15.27 12.73 10.69
C GLU D 90 14.02 12.99 11.53
N LEU D 91 13.41 14.17 11.35
CA LEU D 91 12.22 14.54 12.09
C LEU D 91 11.04 13.62 11.80
N HIS D 92 10.74 13.44 10.52
CA HIS D 92 9.56 12.70 10.12
C HIS D 92 9.71 11.19 10.36
N CYS D 93 10.94 10.69 10.27
CA CYS D 93 11.20 9.26 10.38
C CYS D 93 11.58 8.81 11.79
N ASP D 94 12.64 9.42 12.35
CA ASP D 94 13.13 9.03 13.67
C ASP D 94 12.24 9.52 14.80
N LYS D 95 11.76 10.76 14.70
CA LYS D 95 11.01 11.39 15.79
C LYS D 95 9.49 11.24 15.66
N LEU D 96 8.97 11.47 14.46
CA LEU D 96 7.52 11.44 14.27
C LEU D 96 7.03 10.07 13.84
N HIS D 97 7.94 9.29 13.25
CA HIS D 97 7.62 7.93 12.78
C HIS D 97 6.46 7.90 11.79
N VAL D 98 6.42 8.90 10.90
CA VAL D 98 5.45 8.92 9.83
C VAL D 98 5.79 7.85 8.79
N ASP D 99 4.86 6.93 8.57
CA ASP D 99 5.07 5.90 7.55
C ASP D 99 5.29 6.54 6.19
N PRO D 100 6.34 6.10 5.47
CA PRO D 100 6.75 6.73 4.22
C PRO D 100 5.69 6.76 3.12
N GLU D 101 4.69 5.88 3.19
CA GLU D 101 3.60 5.90 2.21
C GLU D 101 2.87 7.24 2.25
N ASN D 102 2.78 7.83 3.44
CA ASN D 102 2.12 9.12 3.59
C ASN D 102 2.88 10.23 2.86
N PHE D 103 4.19 10.08 2.74
CA PHE D 103 4.99 11.03 1.98
C PHE D 103 4.54 11.03 0.51
N ARG D 104 4.34 9.84 -0.04
CA ARG D 104 3.90 9.71 -1.43
C ARG D 104 2.50 10.29 -1.60
N LEU D 105 1.65 10.06 -0.60
CA LEU D 105 0.27 10.56 -0.66
C LEU D 105 0.24 12.09 -0.70
N LEU D 106 1.03 12.73 0.15
CA LEU D 106 1.06 14.18 0.17
C LEU D 106 1.56 14.73 -1.16
N GLY D 107 2.62 14.11 -1.69
CA GLY D 107 3.11 14.45 -3.01
C GLY D 107 2.05 14.43 -4.08
N ASN D 108 1.22 13.38 -4.09
CA ASN D 108 0.18 13.24 -5.10
C ASN D 108 -0.98 14.17 -4.88
N VAL D 109 -1.26 14.48 -3.62
CA VAL D 109 -2.26 15.49 -3.28
C VAL D 109 -1.81 16.84 -3.84
N LEU D 110 -0.53 17.17 -3.65
CA LEU D 110 0.03 18.40 -4.19
C LEU D 110 -0.14 18.47 -5.71
N VAL D 111 0.07 17.34 -6.39
CA VAL D 111 -0.14 17.27 -7.83
C VAL D 111 -1.59 17.57 -8.20
N CYS D 112 -2.53 17.03 -7.43
CA CYS D 112 -3.96 17.30 -7.63
C CYS D 112 -4.27 18.78 -7.45
N VAL D 113 -3.65 19.39 -6.45
CA VAL D 113 -3.82 20.80 -6.16
C VAL D 113 -3.25 21.65 -7.29
N LEU D 114 -2.09 21.25 -7.81
CA LEU D 114 -1.51 21.96 -8.94
C LEU D 114 -2.44 21.87 -10.14
N ALA D 115 -2.95 20.66 -10.39
CA ALA D 115 -3.89 20.45 -11.48
C ALA D 115 -5.15 21.28 -11.29
N HIS D 116 -5.64 21.32 -10.06
CA HIS D 116 -6.87 22.05 -9.74
C HIS D 116 -6.71 23.53 -10.07
N HIS D 117 -5.58 24.10 -9.70
CA HIS D 117 -5.36 25.53 -9.91
C HIS D 117 -5.01 25.90 -11.35
N PHE D 118 -4.18 25.09 -12.00
CA PHE D 118 -3.71 25.44 -13.34
C PHE D 118 -4.59 24.89 -14.45
N GLY D 119 -5.42 23.91 -14.13
CA GLY D 119 -6.30 23.28 -15.09
C GLY D 119 -5.61 22.78 -16.34
N LYS D 120 -6.00 23.32 -17.49
CA LYS D 120 -5.52 22.83 -18.79
C LYS D 120 -4.03 23.05 -18.97
N GLU D 121 -3.51 24.09 -18.31
CA GLU D 121 -2.09 24.40 -18.39
C GLU D 121 -1.23 23.32 -17.70
N PHE D 122 -1.85 22.52 -16.85
CA PHE D 122 -1.17 21.40 -16.19
C PHE D 122 -1.20 20.19 -17.11
N THR D 123 -0.39 20.26 -18.16
CA THR D 123 -0.43 19.27 -19.23
C THR D 123 0.17 17.93 -18.79
N PRO D 124 -0.16 16.84 -19.49
CA PRO D 124 0.48 15.56 -19.14
C PRO D 124 2.01 15.65 -19.01
N PRO D 125 2.73 16.31 -19.94
CA PRO D 125 4.18 16.38 -19.74
C PRO D 125 4.59 17.18 -18.50
N VAL D 126 3.83 18.21 -18.17
CA VAL D 126 4.09 18.99 -16.97
C VAL D 126 3.87 18.11 -15.73
N GLN D 127 2.77 17.36 -15.72
CA GLN D 127 2.49 16.43 -14.62
C GLN D 127 3.58 15.38 -14.46
N ALA D 128 4.00 14.77 -15.57
CA ALA D 128 5.01 13.74 -15.53
C ALA D 128 6.31 14.28 -14.92
N ALA D 129 6.62 15.53 -15.24
CA ALA D 129 7.80 16.17 -14.68
C ALA D 129 7.66 16.34 -13.17
N TYR D 130 6.48 16.76 -12.72
CA TYR D 130 6.24 16.96 -11.30
C TYR D 130 6.11 15.65 -10.53
N GLN D 131 5.66 14.60 -11.20
CA GLN D 131 5.59 13.29 -10.57
C GLN D 131 6.98 12.81 -10.15
N LYS D 132 7.98 13.15 -10.96
CA LYS D 132 9.35 12.83 -10.61
C LYS D 132 9.82 13.71 -9.46
N VAL D 133 9.30 14.93 -9.40
CA VAL D 133 9.63 15.83 -8.30
C VAL D 133 9.15 15.28 -6.96
N VAL D 134 7.85 15.02 -6.85
CA VAL D 134 7.27 14.58 -5.58
C VAL D 134 7.75 13.17 -5.17
N ALA D 135 8.08 12.34 -6.15
CA ALA D 135 8.66 11.03 -5.87
C ALA D 135 10.06 11.18 -5.29
N GLY D 136 10.81 12.12 -5.84
CA GLY D 136 12.14 12.45 -5.33
C GLY D 136 12.07 13.01 -3.91
N VAL D 137 11.06 13.83 -3.66
CA VAL D 137 10.90 14.43 -2.33
C VAL D 137 10.53 13.37 -1.31
N ALA D 138 9.57 12.52 -1.66
CA ALA D 138 9.12 11.46 -0.78
C ALA D 138 10.27 10.50 -0.46
N ASN D 139 11.02 10.13 -1.51
CA ASN D 139 12.18 9.28 -1.35
C ASN D 139 13.21 9.90 -0.40
N ALA D 140 13.48 11.19 -0.60
CA ALA D 140 14.48 11.89 0.19
C ALA D 140 14.07 11.98 1.66
N LEU D 141 12.77 12.16 1.88
CA LEU D 141 12.23 12.26 3.22
C LEU D 141 12.20 10.93 3.96
N ALA D 142 12.21 9.83 3.21
CA ALA D 142 12.23 8.50 3.80
C ALA D 142 13.64 7.92 3.86
N HIS D 143 14.64 8.76 3.60
CA HIS D 143 16.03 8.31 3.51
C HIS D 143 16.54 7.69 4.82
N LYS D 144 16.05 8.18 5.95
CA LYS D 144 16.47 7.66 7.25
C LYS D 144 15.85 6.29 7.53
N TYR D 145 14.90 5.89 6.70
CA TYR D 145 14.35 4.54 6.73
C TYR D 145 15.20 3.61 5.86
N HIS D 146 16.05 4.21 5.03
CA HIS D 146 16.87 3.45 4.09
C HIS D 146 18.24 3.13 4.70
#